data_3ZWI
#
_entry.id   3ZWI
#
_cell.length_a   53.914
_cell.length_b   53.914
_cell.length_c   180.864
_cell.angle_alpha   90.00
_cell.angle_beta   90.00
_cell.angle_gamma   120.00
#
_symmetry.space_group_name_H-M   'P 65 2 2'
#
loop_
_entity.id
_entity.type
_entity.pdbx_description
1 polymer "CYTOCHROME C'"
2 non-polymer 'HEME C'
3 non-polymer 'CARBON MONOXIDE'
4 non-polymer 'SULFATE ION'
5 non-polymer 'ASCORBIC ACID'
6 water water
#
_entity_poly.entity_id   1
_entity_poly.type   'polypeptide(L)'
_entity_poly.pdbx_seq_one_letter_code
;(PCA)FAKPEDAVKYRQSALTLMASHFGRMTPVVKGQAPYDAAQIKANVEVLKTLSALPWAAFGPGTEGGDARPEIWSDA
ASFKQKQQAFQDNIVKLSAAADAGDLDKLRAAFGDVGASCKACHDAYRKKK
;
_entity_poly.pdbx_strand_id   A
#
# COMPACT_ATOMS: atom_id res chain seq x y z
N PHE A 2 -20.33 2.31 -6.73
CA PHE A 2 -20.10 1.43 -7.86
C PHE A 2 -21.41 0.88 -8.38
N ALA A 3 -21.68 1.05 -9.65
CA ALA A 3 -22.97 0.62 -10.19
C ALA A 3 -23.07 -0.90 -10.15
N LYS A 4 -21.97 -1.58 -10.46
CA LYS A 4 -21.87 -3.04 -10.49
C LYS A 4 -20.59 -3.47 -9.81
N PRO A 5 -20.53 -4.70 -9.37
CA PRO A 5 -19.28 -5.20 -8.77
C PRO A 5 -18.04 -5.01 -9.65
N GLU A 6 -18.15 -5.20 -10.93
CA GLU A 6 -17.02 -4.97 -11.84
C GLU A 6 -16.44 -3.58 -11.67
N ASP A 7 -17.29 -2.61 -11.33
CA ASP A 7 -16.79 -1.25 -11.15
C ASP A 7 -15.95 -1.13 -9.89
N ALA A 8 -16.27 -1.86 -8.84
CA ALA A 8 -15.42 -1.87 -7.66
C ALA A 8 -14.10 -2.55 -7.93
N VAL A 9 -14.11 -3.65 -8.67
CA VAL A 9 -12.89 -4.34 -9.05
C VAL A 9 -12.02 -3.37 -9.86
N LYS A 10 -12.61 -2.71 -10.88
CA LYS A 10 -11.84 -1.79 -11.72
CA LYS A 10 -11.83 -1.80 -11.72
C LYS A 10 -11.23 -0.70 -10.84
N TYR A 11 -12.01 -0.17 -9.91
CA TYR A 11 -11.49 0.86 -9.01
C TYR A 11 -10.32 0.34 -8.22
N ARG A 12 -10.47 -0.76 -7.51
CA ARG A 12 -9.41 -1.18 -6.61
C ARG A 12 -8.15 -1.52 -7.42
N GLN A 13 -8.32 -2.09 -8.60
CA GLN A 13 -7.14 -2.45 -9.42
C GLN A 13 -6.42 -1.19 -9.87
N SER A 14 -7.16 -0.12 -10.16
CA SER A 14 -6.54 1.15 -10.55
C SER A 14 -5.86 1.78 -9.35
N ALA A 15 -6.50 1.71 -8.17
CA ALA A 15 -5.90 2.28 -6.97
C ALA A 15 -4.61 1.59 -6.64
N LEU A 16 -4.60 0.25 -6.73
CA LEU A 16 -3.38 -0.46 -6.40
C LEU A 16 -2.30 -0.18 -7.45
N THR A 17 -2.65 -0.02 -8.73
CA THR A 17 -1.64 0.35 -9.74
C THR A 17 -0.97 1.64 -9.37
N LEU A 18 -1.76 2.63 -8.94
CA LEU A 18 -1.20 3.89 -8.51
CA LEU A 18 -1.14 3.88 -8.57
C LEU A 18 -0.34 3.76 -7.27
N MET A 19 -0.75 3.00 -6.25
N MET A 19 -0.93 3.05 -6.34
CA MET A 19 -0.05 2.65 -5.04
CA MET A 19 -0.19 2.91 -5.08
C MET A 19 1.33 2.09 -5.27
C MET A 19 1.12 2.20 -5.42
N ALA A 20 1.20 1.13 -6.19
CA ALA A 20 2.41 0.41 -6.56
C ALA A 20 3.43 1.34 -7.23
N SER A 21 2.97 2.25 -8.08
CA SER A 21 3.89 3.16 -8.75
C SER A 21 4.48 4.13 -7.75
N HIS A 22 3.68 4.72 -6.83
CA HIS A 22 4.21 5.69 -5.88
C HIS A 22 5.08 5.02 -4.83
N PHE A 23 4.83 3.75 -4.52
CA PHE A 23 5.73 3.05 -3.62
C PHE A 23 7.01 2.69 -4.35
N GLY A 24 6.88 1.91 -5.43
CA GLY A 24 7.97 1.35 -6.17
C GLY A 24 8.92 2.38 -6.79
N ARG A 25 8.45 3.54 -7.15
CA ARG A 25 9.35 4.54 -7.74
C ARG A 25 10.37 5.01 -6.74
N MET A 26 10.22 4.71 -5.46
CA MET A 26 11.23 5.15 -4.51
C MET A 26 12.31 4.11 -4.34
N THR A 27 12.18 2.92 -4.91
CA THR A 27 13.20 1.87 -4.78
C THR A 27 14.59 2.40 -5.15
N PRO A 28 14.84 3.08 -6.25
CA PRO A 28 16.22 3.52 -6.50
C PRO A 28 16.73 4.49 -5.42
N VAL A 29 15.87 5.30 -4.85
CA VAL A 29 16.29 6.25 -3.80
C VAL A 29 16.69 5.49 -2.56
N VAL A 30 15.87 4.55 -2.10
CA VAL A 30 16.21 3.86 -0.84
CA VAL A 30 16.12 3.75 -0.91
C VAL A 30 17.38 2.95 -1.10
N LYS A 31 17.70 2.49 -2.29
CA LYS A 31 18.92 1.74 -2.59
C LYS A 31 20.15 2.61 -2.81
N GLY A 32 20.03 3.90 -2.88
CA GLY A 32 21.12 4.86 -3.14
C GLY A 32 21.48 5.06 -4.59
N GLN A 33 20.78 4.42 -5.51
CA GLN A 33 21.08 4.48 -6.92
C GLN A 33 20.54 5.75 -7.54
N ALA A 34 19.62 6.45 -6.94
CA ALA A 34 19.12 7.76 -7.30
C ALA A 34 19.33 8.69 -6.10
N PRO A 35 19.49 9.98 -6.34
CA PRO A 35 19.72 10.89 -5.23
C PRO A 35 18.51 11.01 -4.30
N TYR A 36 18.83 11.31 -3.05
CA TYR A 36 17.81 11.53 -2.04
C TYR A 36 17.54 13.03 -1.86
N ASP A 37 16.36 13.46 -2.26
CA ASP A 37 15.85 14.83 -2.15
CA ASP A 37 15.94 14.84 -2.04
C ASP A 37 14.74 14.72 -1.09
N ALA A 38 14.99 15.21 0.11
CA ALA A 38 14.04 14.99 1.19
C ALA A 38 12.67 15.57 0.85
N ALA A 39 12.60 16.74 0.28
CA ALA A 39 11.34 17.35 -0.10
C ALA A 39 10.60 16.58 -1.17
N GLN A 40 11.29 16.07 -2.16
CA GLN A 40 10.70 15.25 -3.21
C GLN A 40 10.04 14.02 -2.59
N ILE A 41 10.78 13.35 -1.69
CA ILE A 41 10.24 12.11 -1.08
C ILE A 41 9.10 12.44 -0.16
N LYS A 42 9.18 13.49 0.62
CA LYS A 42 8.09 13.91 1.51
C LYS A 42 6.81 14.09 0.69
N ALA A 43 6.90 14.81 -0.42
CA ALA A 43 5.73 15.04 -1.28
C ALA A 43 5.23 13.74 -1.87
N ASN A 44 6.10 12.84 -2.30
CA ASN A 44 5.64 11.57 -2.88
C ASN A 44 4.97 10.69 -1.83
N VAL A 45 5.52 10.68 -0.62
CA VAL A 45 4.92 9.86 0.41
C VAL A 45 3.57 10.46 0.80
N GLU A 46 3.34 11.76 0.76
CA GLU A 46 2.02 12.30 0.98
C GLU A 46 1.04 11.79 -0.04
N VAL A 47 1.40 11.71 -1.32
CA VAL A 47 0.55 11.13 -2.32
C VAL A 47 0.26 9.65 -2.00
N LEU A 48 1.31 8.91 -1.70
CA LEU A 48 1.15 7.50 -1.32
C LEU A 48 0.21 7.32 -0.14
N LYS A 49 0.34 8.17 0.86
CA LYS A 49 -0.55 8.12 2.02
C LYS A 49 -2.00 8.21 1.59
N THR A 50 -2.36 9.18 0.75
CA THR A 50 -3.73 9.29 0.26
C THR A 50 -4.12 8.03 -0.51
N LEU A 51 -3.28 7.58 -1.43
CA LEU A 51 -3.65 6.44 -2.24
C LEU A 51 -3.80 5.16 -1.41
N SER A 52 -2.98 5.00 -0.39
CA SER A 52 -2.97 3.78 0.41
CA SER A 52 -2.99 3.74 0.36
C SER A 52 -4.22 3.50 1.24
N ALA A 53 -5.03 4.53 1.40
CA ALA A 53 -6.31 4.40 2.09
C ALA A 53 -7.43 4.03 1.14
N LEU A 54 -7.23 4.10 -0.15
CA LEU A 54 -8.34 3.94 -1.08
C LEU A 54 -8.77 2.53 -1.43
N PRO A 55 -7.90 1.55 -1.57
CA PRO A 55 -8.42 0.25 -2.04
C PRO A 55 -9.49 -0.38 -1.15
N TRP A 56 -9.41 -0.13 0.16
CA TRP A 56 -10.14 -1.04 1.07
C TRP A 56 -11.65 -0.84 1.01
N ALA A 57 -12.10 0.38 0.68
CA ALA A 57 -13.51 0.68 0.50
C ALA A 57 -14.08 0.05 -0.75
N ALA A 58 -13.29 -0.48 -1.61
CA ALA A 58 -13.69 -1.10 -2.86
C ALA A 58 -13.68 -2.62 -2.79
N PHE A 59 -13.65 -3.20 -1.59
CA PHE A 59 -13.88 -4.59 -1.31
C PHE A 59 -15.17 -4.75 -0.47
N GLY A 60 -16.20 -3.97 -0.82
CA GLY A 60 -17.46 -4.03 -0.06
C GLY A 60 -18.24 -5.28 -0.35
N PRO A 61 -19.34 -5.47 0.38
CA PRO A 61 -20.06 -6.72 0.21
C PRO A 61 -20.53 -6.84 -1.24
N GLY A 62 -20.42 -8.07 -1.74
CA GLY A 62 -20.86 -8.32 -3.09
C GLY A 62 -19.87 -7.98 -4.16
N THR A 63 -18.64 -7.52 -3.85
CA THR A 63 -17.68 -7.13 -4.87
C THR A 63 -16.59 -8.17 -5.15
N GLU A 64 -16.95 -9.43 -4.91
CA GLU A 64 -16.08 -10.53 -5.33
C GLU A 64 -15.72 -10.41 -6.79
N GLY A 65 -14.46 -10.72 -7.07
CA GLY A 65 -13.91 -10.71 -8.41
C GLY A 65 -12.45 -10.32 -8.46
N GLY A 66 -11.90 -10.13 -9.65
CA GLY A 66 -10.49 -9.88 -9.80
C GLY A 66 -9.64 -11.00 -9.23
N ASP A 67 -8.50 -10.62 -8.66
CA ASP A 67 -7.61 -11.57 -8.00
C ASP A 67 -7.80 -11.58 -6.49
N ALA A 68 -8.93 -11.09 -6.05
CA ALA A 68 -9.24 -11.11 -4.61
C ALA A 68 -9.70 -12.47 -4.19
N ARG A 69 -9.10 -13.05 -3.17
CA ARG A 69 -9.61 -14.31 -2.64
CA ARG A 69 -9.60 -14.32 -2.66
C ARG A 69 -10.89 -14.13 -1.86
N PRO A 70 -11.79 -15.12 -1.93
CA PRO A 70 -13.07 -14.99 -1.18
C PRO A 70 -12.90 -14.89 0.32
N GLU A 71 -11.76 -15.34 0.83
CA GLU A 71 -11.47 -15.16 2.26
CA GLU A 71 -11.48 -15.16 2.26
C GLU A 71 -11.42 -13.71 2.72
N ILE A 72 -11.22 -12.76 1.82
CA ILE A 72 -11.31 -11.36 2.23
C ILE A 72 -12.64 -11.04 2.92
N TRP A 73 -13.70 -11.68 2.42
CA TRP A 73 -15.06 -11.45 2.93
C TRP A 73 -15.46 -12.38 4.05
N SER A 74 -15.07 -13.65 3.94
CA SER A 74 -15.50 -14.61 5.00
C SER A 74 -14.61 -14.48 6.24
N ASP A 75 -13.42 -13.84 6.15
CA ASP A 75 -12.56 -13.58 7.29
C ASP A 75 -12.26 -12.10 7.40
N ALA A 76 -13.33 -11.33 7.46
CA ALA A 76 -13.19 -9.88 7.33
C ALA A 76 -12.35 -9.32 8.46
N ALA A 77 -12.40 -9.76 9.69
CA ALA A 77 -11.61 -9.16 10.77
C ALA A 77 -10.15 -9.38 10.48
N SER A 78 -9.77 -10.53 9.92
CA SER A 78 -8.36 -10.78 9.70
C SER A 78 -7.86 -9.96 8.51
N PHE A 79 -8.70 -9.76 7.52
CA PHE A 79 -8.32 -8.87 6.43
C PHE A 79 -8.18 -7.44 6.89
N LYS A 80 -9.08 -7.01 7.76
CA LYS A 80 -8.98 -5.63 8.25
C LYS A 80 -7.71 -5.43 9.03
N GLN A 81 -7.32 -6.48 9.76
CA GLN A 81 -6.08 -6.29 10.53
CA GLN A 81 -6.07 -6.54 10.48
C GLN A 81 -4.91 -6.21 9.56
N LYS A 82 -4.83 -6.98 8.47
CA LYS A 82 -3.72 -6.81 7.50
C LYS A 82 -3.75 -5.43 6.92
N GLN A 83 -4.93 -4.91 6.61
CA GLN A 83 -4.93 -3.56 5.97
CA GLN A 83 -5.03 -3.57 6.05
C GLN A 83 -4.56 -2.49 7.03
N GLN A 84 -4.98 -2.64 8.27
CA GLN A 84 -4.63 -1.63 9.26
C GLN A 84 -3.13 -1.72 9.59
N ALA A 85 -2.52 -2.91 9.64
CA ALA A 85 -1.07 -3.01 9.87
C ALA A 85 -0.32 -2.29 8.75
N PHE A 86 -0.79 -2.55 7.51
CA PHE A 86 -0.21 -1.86 6.35
C PHE A 86 -0.34 -0.37 6.53
N GLN A 87 -1.52 0.13 6.84
CA GLN A 87 -1.61 1.59 6.91
CA GLN A 87 -1.72 1.57 7.00
C GLN A 87 -0.87 2.14 8.11
N ASP A 88 -0.67 1.40 9.18
CA ASP A 88 0.19 1.84 10.27
C ASP A 88 1.65 1.94 9.79
N ASN A 89 2.06 0.95 9.00
CA ASN A 89 3.41 1.10 8.40
C ASN A 89 3.51 2.27 7.44
N ILE A 90 2.43 2.63 6.73
CA ILE A 90 2.48 3.86 5.91
C ILE A 90 2.63 5.08 6.85
N VAL A 91 1.98 5.10 8.02
CA VAL A 91 2.19 6.22 8.93
C VAL A 91 3.65 6.34 9.32
N LYS A 92 4.32 5.24 9.57
CA LYS A 92 5.72 5.25 9.91
CA LYS A 92 5.72 5.20 9.91
C LYS A 92 6.57 5.71 8.73
N LEU A 93 6.17 5.36 7.53
CA LEU A 93 6.95 5.85 6.34
C LEU A 93 6.78 7.33 6.20
N SER A 94 5.57 7.84 6.41
CA SER A 94 5.35 9.29 6.45
C SER A 94 6.22 9.95 7.47
N ALA A 95 6.35 9.36 8.67
CA ALA A 95 7.18 9.94 9.69
C ALA A 95 8.65 10.02 9.27
N ALA A 96 9.12 8.97 8.68
CA ALA A 96 10.50 8.97 8.22
C ALA A 96 10.71 10.03 7.14
N ALA A 97 9.76 10.10 6.22
CA ALA A 97 9.90 11.07 5.11
C ALA A 97 9.84 12.48 5.63
N ASP A 98 8.95 12.70 6.57
CA ASP A 98 8.82 14.02 7.17
C ASP A 98 10.09 14.38 7.96
N ALA A 99 10.81 13.40 8.52
CA ALA A 99 12.04 13.61 9.25
C ALA A 99 13.26 13.88 8.34
N GLY A 100 13.16 13.51 7.07
CA GLY A 100 14.24 13.75 6.17
C GLY A 100 15.45 12.87 6.33
N ASP A 101 15.31 11.64 6.79
CA ASP A 101 16.42 10.77 7.13
C ASP A 101 16.38 9.52 6.28
N LEU A 102 17.32 9.33 5.37
CA LEU A 102 17.40 8.22 4.43
C LEU A 102 17.48 6.91 5.20
N ASP A 103 18.18 6.79 6.32
CA ASP A 103 18.23 5.46 6.95
CA ASP A 103 18.25 5.53 7.06
C ASP A 103 16.90 5.07 7.55
N LYS A 104 16.18 6.04 8.13
CA LYS A 104 14.84 5.71 8.62
C LYS A 104 13.90 5.41 7.46
N LEU A 105 14.08 6.15 6.34
CA LEU A 105 13.22 5.91 5.18
C LEU A 105 13.39 4.50 4.67
N ARG A 106 14.67 4.05 4.58
CA ARG A 106 14.85 2.73 3.98
CA ARG A 106 14.98 2.73 4.09
C ARG A 106 14.26 1.69 4.93
N ALA A 107 14.36 1.86 6.25
CA ALA A 107 13.79 0.84 7.14
C ALA A 107 12.28 0.83 7.04
N ALA A 108 11.68 2.02 7.03
CA ALA A 108 10.21 2.13 6.96
C ALA A 108 9.66 1.61 5.64
N PHE A 109 10.43 1.90 4.58
CA PHE A 109 10.09 1.37 3.26
C PHE A 109 10.04 -0.13 3.22
N GLY A 110 11.06 -0.77 3.80
CA GLY A 110 11.05 -2.26 3.86
C GLY A 110 9.89 -2.78 4.69
N ASP A 111 9.50 -2.10 5.78
CA ASP A 111 8.36 -2.53 6.56
C ASP A 111 7.08 -2.46 5.74
N VAL A 112 6.89 -1.39 5.02
CA VAL A 112 5.72 -1.31 4.14
C VAL A 112 5.74 -2.44 3.13
N GLY A 113 6.83 -2.67 2.46
CA GLY A 113 6.86 -3.70 1.44
C GLY A 113 6.55 -5.06 2.02
N ALA A 114 7.01 -5.33 3.23
CA ALA A 114 6.69 -6.59 3.91
C ALA A 114 5.20 -6.72 4.13
N SER A 115 4.56 -5.64 4.51
CA SER A 115 3.11 -5.64 4.76
C SER A 115 2.34 -5.87 3.46
N CYS A 116 2.79 -5.30 2.33
CA CYS A 116 2.13 -5.58 1.05
C CYS A 116 2.17 -7.08 0.78
N LYS A 117 3.38 -7.65 0.87
CA LYS A 117 3.55 -9.07 0.53
CA LYS A 117 3.61 -9.06 0.58
C LYS A 117 2.77 -9.98 1.46
N ALA A 118 2.72 -9.66 2.75
CA ALA A 118 1.99 -10.48 3.70
C ALA A 118 0.53 -10.54 3.35
N CYS A 119 -0.04 -9.44 2.95
CA CYS A 119 -1.46 -9.49 2.54
C CYS A 119 -1.65 -10.28 1.28
N HIS A 120 -0.77 -10.04 0.30
CA HIS A 120 -0.91 -10.79 -0.95
C HIS A 120 -0.82 -12.30 -0.69
N ASP A 121 0.10 -12.69 0.20
CA ASP A 121 0.28 -14.11 0.47
C ASP A 121 -0.99 -14.76 1.00
N ALA A 122 -1.78 -14.02 1.75
CA ALA A 122 -2.99 -14.59 2.32
C ALA A 122 -4.24 -14.36 1.47
N TYR A 123 -4.34 -13.24 0.74
CA TYR A 123 -5.60 -12.78 0.22
C TYR A 123 -5.62 -12.51 -1.26
N ARG A 124 -4.53 -12.68 -1.99
CA ARG A 124 -4.48 -12.47 -3.41
C ARG A 124 -4.27 -13.79 -4.12
N LYS A 125 -5.11 -14.03 -5.13
CA LYS A 125 -5.02 -15.29 -5.89
C LYS A 125 -3.70 -15.40 -6.58
N LYS A 126 -3.17 -16.61 -6.88
CA LYS A 126 -1.82 -16.40 -7.50
C LYS A 126 -1.90 -16.21 -9.00
#